data_5RHX
#
_entry.id   5RHX
#
_cell.length_a   53.348
_cell.length_b   69.134
_cell.length_c   57.087
_cell.angle_alpha   90.000
_cell.angle_beta   92.550
_cell.angle_gamma   90.000
#
_symmetry.space_group_name_H-M   'P 1 21 1'
#
loop_
_entity.id
_entity.type
_entity.pdbx_description
1 polymer 'NS3 Helicase'
2 non-polymer 1,2-ETHANEDIOL
3 non-polymer 'PHOSPHATE ION'
4 non-polymer (4S)-2-METHYL-2,4-PENTANEDIOL
5 non-polymer 3-fluoro-5-methylbenzene-1-sulfonamide
6 water water
#
_entity_poly.entity_id   1
_entity_poly.type   'polypeptide(L)'
_entity_poly.pdbx_seq_one_letter_code
;MLKKKQLTVLDLHPGAGKTRRVLPEIVREAIKKRLRTVILAPTRVVAAEMEEALRGLPVRYMTTAVNVTHSGTEIVDLMC
HATFTSRLLQPIRVPNYNLNIMDEAHFTDPSSIAARGYISTRVEMGEAAAIFMTATPPGTRDAFPDSNSPIMDTEVEVPE
RAWSSGFDWVTDHSGKTVWFVPSVRNGNEIAACLTKAGKRVIQLSRKTFETEFQKTKNQEWDFVITTDISEMGANFKADR
VIDSRRCLKPVILDGERVILAGPMPVTHASAAQRRGRIGRNPNKPGDEYMYGGGCAETDEGHAHWLEARMLLDNIYLQDG
LIASLYRPEADKVAAIEGEFKLRTEQRKTFVELMKRGDLPVWLAYQVASAGITYTDRRWCFDGTTNNTIMEDSVPAEVWT
KYGEKRVLKPRWMDARVCSDHAALKSFKEFAAGKR
;
_entity_poly.pdbx_strand_id   A
#
# COMPACT_ATOMS: atom_id res chain seq x y z
N MET A 1 12.76 18.01 -16.74
CA MET A 1 12.25 16.68 -16.28
C MET A 1 11.64 15.91 -17.48
N LEU A 2 11.08 16.62 -18.48
CA LEU A 2 10.12 16.07 -19.48
C LEU A 2 10.82 15.61 -20.78
N LYS A 3 12.17 15.56 -20.82
CA LYS A 3 12.97 14.96 -21.92
C LYS A 3 12.96 13.42 -21.77
N LYS A 4 12.78 12.70 -22.88
CA LYS A 4 12.75 11.21 -22.89
C LYS A 4 13.99 10.70 -22.12
N LYS A 5 14.05 9.38 -21.89
CA LYS A 5 15.14 8.66 -21.19
C LYS A 5 15.48 9.31 -19.83
N GLN A 6 14.65 10.21 -19.29
CA GLN A 6 14.91 10.81 -17.95
C GLN A 6 13.97 10.21 -16.89
N LEU A 7 14.53 9.71 -15.80
CA LEU A 7 13.76 9.40 -14.57
C LEU A 7 14.19 10.39 -13.49
N THR A 8 13.30 11.28 -13.09
CA THR A 8 13.54 12.30 -12.03
C THR A 8 12.88 11.89 -10.73
N VAL A 9 13.62 11.98 -9.62
CA VAL A 9 13.06 11.78 -8.25
C VAL A 9 12.84 13.18 -7.66
N LEU A 10 11.58 13.57 -7.53
CA LEU A 10 11.17 14.83 -6.87
C LEU A 10 11.03 14.47 -5.39
N ASP A 11 12.10 14.76 -4.64
CA ASP A 11 12.31 14.38 -3.21
C ASP A 11 12.25 15.64 -2.33
N LEU A 12 11.41 16.61 -2.64
CA LEU A 12 11.15 17.72 -1.69
C LEU A 12 10.59 17.09 -0.41
N HIS A 13 10.91 17.67 0.74
CA HIS A 13 10.43 17.21 2.07
C HIS A 13 8.90 17.13 2.14
N PRO A 14 8.36 16.36 3.10
CA PRO A 14 6.90 16.22 3.24
C PRO A 14 6.26 17.60 3.48
N GLY A 15 5.15 17.84 2.76
CA GLY A 15 4.42 19.12 2.82
C GLY A 15 5.06 20.24 2.00
N ALA A 16 6.06 19.95 1.16
CA ALA A 16 6.76 20.96 0.32
C ALA A 16 5.88 21.44 -0.84
N GLY A 17 4.82 20.71 -1.18
CA GLY A 17 3.86 21.10 -2.24
C GLY A 17 4.00 20.29 -3.51
N LYS A 18 4.56 19.08 -3.42
CA LYS A 18 4.74 18.20 -4.62
C LYS A 18 3.38 18.05 -5.32
N THR A 19 2.32 17.77 -4.56
CA THR A 19 1.00 17.37 -5.11
C THR A 19 0.18 18.60 -5.50
N ARG A 20 0.12 19.63 -4.64
CA ARG A 20 -0.82 20.77 -4.86
C ARG A 20 -0.16 21.84 -5.74
N ARG A 21 1.17 21.99 -5.73
CA ARG A 21 1.83 23.10 -6.44
C ARG A 21 2.62 22.59 -7.64
N VAL A 22 3.47 21.57 -7.48
CA VAL A 22 4.42 21.14 -8.56
C VAL A 22 3.64 20.32 -9.60
N LEU A 23 2.82 19.37 -9.16
CA LEU A 23 2.13 18.46 -10.11
C LEU A 23 1.31 19.24 -11.15
N PRO A 24 0.54 20.30 -10.83
CA PRO A 24 -0.21 21.01 -11.87
C PRO A 24 0.73 21.65 -12.90
N GLU A 25 1.88 22.15 -12.44
CA GLU A 25 2.92 22.76 -13.32
C GLU A 25 3.43 21.70 -14.30
N ILE A 26 3.77 20.50 -13.83
CA ILE A 26 4.25 19.39 -14.70
C ILE A 26 3.19 19.04 -15.73
N VAL A 27 1.92 18.96 -15.29
CA VAL A 27 0.78 18.63 -16.18
C VAL A 27 0.63 19.71 -17.25
N ARG A 28 0.70 20.99 -16.89
CA ARG A 28 0.59 22.04 -17.94
C ARG A 28 1.74 21.86 -18.93
N GLU A 29 2.94 21.63 -18.43
CA GLU A 29 4.14 21.52 -19.31
C GLU A 29 3.98 20.28 -20.21
N ALA A 30 3.45 19.19 -19.69
CA ALA A 30 3.29 17.94 -20.47
C ALA A 30 2.30 18.20 -21.60
N ILE A 31 1.18 18.88 -21.30
CA ILE A 31 0.12 19.23 -22.27
C ILE A 31 0.75 20.07 -23.37
N LYS A 32 1.56 21.09 -23.03
CA LYS A 32 2.24 22.00 -24.02
C LYS A 32 3.15 21.18 -24.93
N LYS A 33 3.78 20.12 -24.41
CA LYS A 33 4.70 19.27 -25.18
C LYS A 33 4.01 18.08 -25.83
N ARG A 34 2.67 17.96 -25.72
CA ARG A 34 1.89 16.86 -26.35
C ARG A 34 2.38 15.52 -25.79
N LEU A 35 2.76 15.47 -24.51
CA LEU A 35 3.18 14.19 -23.88
C LEU A 35 1.91 13.45 -23.41
N ARG A 36 1.67 12.26 -23.93
CA ARG A 36 0.67 11.35 -23.35
C ARG A 36 1.21 10.95 -21.98
N THR A 37 0.42 11.20 -20.94
CA THR A 37 0.94 11.25 -19.56
C THR A 37 0.03 10.44 -18.66
N VAL A 38 0.62 9.68 -17.73
CA VAL A 38 -0.19 9.02 -16.69
C VAL A 38 0.26 9.56 -15.34
N ILE A 39 -0.70 9.78 -14.46
CA ILE A 39 -0.51 10.21 -13.06
C ILE A 39 -1.03 9.06 -12.22
N LEU A 40 -0.15 8.53 -11.40
CA LEU A 40 -0.43 7.36 -10.52
C LEU A 40 -0.55 7.84 -9.07
N ALA A 41 -1.75 7.74 -8.52
CA ALA A 41 -2.12 8.01 -7.12
C ALA A 41 -2.07 6.71 -6.33
N PRO A 42 -1.56 6.69 -5.09
CA PRO A 42 -1.47 5.45 -4.31
C PRO A 42 -2.87 4.95 -3.87
N THR A 43 -3.81 5.86 -3.64
CA THR A 43 -5.17 5.56 -3.12
C THR A 43 -6.22 6.43 -3.78
N ARG A 44 -7.48 5.98 -3.69
N ARG A 44 -7.47 5.97 -3.68
CA ARG A 44 -8.65 6.71 -4.24
CA ARG A 44 -8.67 6.67 -4.22
C ARG A 44 -8.74 8.05 -3.51
C ARG A 44 -8.84 8.00 -3.48
N VAL A 45 -8.36 8.08 -2.23
CA VAL A 45 -8.35 9.34 -1.43
C VAL A 45 -7.43 10.33 -2.12
N VAL A 46 -6.18 9.95 -2.39
CA VAL A 46 -5.20 10.87 -3.06
C VAL A 46 -5.75 11.22 -4.46
N ALA A 47 -6.28 10.26 -5.20
CA ALA A 47 -6.90 10.52 -6.52
C ALA A 47 -7.88 11.72 -6.43
N ALA A 48 -8.81 11.70 -5.47
CA ALA A 48 -9.78 12.81 -5.21
C ALA A 48 -9.07 14.12 -4.88
N GLU A 49 -8.02 14.11 -4.07
CA GLU A 49 -7.25 15.34 -3.70
C GLU A 49 -6.56 15.91 -4.93
N MET A 50 -6.06 15.02 -5.79
CA MET A 50 -5.40 15.41 -7.05
C MET A 50 -6.43 16.09 -7.95
N GLU A 51 -7.65 15.56 -8.05
CA GLU A 51 -8.66 16.20 -8.91
C GLU A 51 -8.81 17.64 -8.42
N GLU A 52 -8.78 17.86 -7.11
CA GLU A 52 -8.98 19.23 -6.56
C GLU A 52 -7.80 20.12 -6.99
N ALA A 53 -6.57 19.66 -6.82
CA ALA A 53 -5.33 20.38 -7.20
C ALA A 53 -5.26 20.62 -8.70
N LEU A 54 -5.84 19.73 -9.52
CA LEU A 54 -5.75 19.80 -11.00
C LEU A 54 -7.03 20.37 -11.59
N ARG A 55 -8.00 20.77 -10.76
CA ARG A 55 -9.39 21.02 -11.22
C ARG A 55 -9.34 22.02 -12.39
N GLY A 56 -10.06 21.74 -13.48
CA GLY A 56 -10.04 22.60 -14.68
C GLY A 56 -9.06 22.16 -15.76
N LEU A 57 -7.92 21.53 -15.39
CA LEU A 57 -6.95 20.94 -16.36
C LEU A 57 -7.59 19.71 -16.98
N PRO A 58 -7.37 19.47 -18.29
CA PRO A 58 -7.94 18.33 -18.99
C PRO A 58 -7.25 17.01 -18.62
N VAL A 59 -7.77 16.38 -17.57
CA VAL A 59 -7.28 15.09 -17.02
C VAL A 59 -8.43 14.10 -17.04
N ARG A 60 -8.14 12.90 -17.56
CA ARG A 60 -9.06 11.74 -17.61
C ARG A 60 -8.82 10.92 -16.34
N TYR A 61 -9.83 10.93 -15.47
CA TYR A 61 -9.84 10.26 -14.14
C TYR A 61 -10.37 8.84 -14.33
N MET A 62 -9.44 7.90 -14.33
CA MET A 62 -9.77 6.48 -14.54
C MET A 62 -9.94 5.83 -13.17
N THR A 63 -10.89 6.37 -12.40
CA THR A 63 -11.24 5.98 -11.01
C THR A 63 -12.68 6.43 -10.72
N THR A 64 -13.49 5.64 -10.01
CA THR A 64 -14.87 6.05 -9.62
C THR A 64 -14.80 6.93 -8.37
N ALA A 65 -13.61 7.13 -7.80
CA ALA A 65 -13.38 8.04 -6.65
C ALA A 65 -13.69 9.49 -7.04
N VAL A 66 -13.77 9.77 -8.33
CA VAL A 66 -13.98 11.14 -8.90
C VAL A 66 -15.21 11.05 -9.80
N ASN A 67 -16.17 11.96 -9.64
CA ASN A 67 -17.39 11.95 -10.49
C ASN A 67 -17.27 13.04 -11.53
N VAL A 68 -16.53 12.82 -12.62
CA VAL A 68 -16.34 13.85 -13.69
C VAL A 68 -16.59 13.24 -15.08
N THR A 69 -17.42 13.95 -15.85
CA THR A 69 -17.67 13.75 -17.29
C THR A 69 -16.37 14.08 -18.06
N HIS A 70 -15.66 13.07 -18.59
CA HIS A 70 -14.48 13.23 -19.49
C HIS A 70 -14.89 13.62 -20.90
N SER A 71 -14.26 14.67 -21.43
CA SER A 71 -14.58 15.40 -22.69
C SER A 71 -14.07 14.65 -23.93
N GLY A 72 -13.13 13.71 -23.78
CA GLY A 72 -12.36 13.11 -24.88
C GLY A 72 -11.26 14.03 -25.40
N THR A 73 -10.95 15.15 -24.74
CA THR A 73 -9.83 16.06 -25.13
C THR A 73 -8.57 15.74 -24.31
N GLU A 74 -8.57 14.73 -23.47
CA GLU A 74 -7.50 14.55 -22.45
C GLU A 74 -6.36 13.70 -23.01
N ILE A 75 -5.11 14.15 -22.85
CA ILE A 75 -3.92 13.27 -23.11
C ILE A 75 -3.27 12.91 -21.77
N VAL A 76 -3.83 13.36 -20.66
CA VAL A 76 -3.31 13.06 -19.30
C VAL A 76 -4.34 12.22 -18.58
N ASP A 77 -3.93 11.02 -18.17
CA ASP A 77 -4.78 10.03 -17.44
C ASP A 77 -4.34 9.99 -15.99
N LEU A 78 -5.28 9.81 -15.08
CA LEU A 78 -4.99 9.63 -13.65
C LEU A 78 -5.66 8.33 -13.19
N MET A 79 -4.87 7.42 -12.62
CA MET A 79 -5.44 6.19 -12.04
C MET A 79 -4.59 5.86 -10.84
N CYS A 80 -5.05 4.89 -10.07
CA CYS A 80 -4.29 4.39 -8.90
C CYS A 80 -3.09 3.57 -9.33
N HIS A 81 -2.06 3.50 -8.49
CA HIS A 81 -0.92 2.57 -8.73
C HIS A 81 -1.43 1.18 -9.06
N ALA A 82 -2.37 0.63 -8.27
CA ALA A 82 -2.82 -0.77 -8.44
C ALA A 82 -3.54 -0.92 -9.77
N THR A 83 -4.25 0.09 -10.23
CA THR A 83 -5.05 0.06 -11.47
C THR A 83 -4.09 -0.03 -12.67
N PHE A 84 -3.00 0.72 -12.62
CA PHE A 84 -1.98 0.71 -13.68
C PHE A 84 -1.43 -0.70 -13.84
N THR A 85 -0.97 -1.27 -12.72
CA THR A 85 -0.40 -2.64 -12.75
C THR A 85 -1.46 -3.64 -13.19
N SER A 86 -2.68 -3.51 -12.70
CA SER A 86 -3.79 -4.40 -13.04
C SER A 86 -4.03 -4.34 -14.56
N ARG A 87 -4.11 -3.15 -15.12
CA ARG A 87 -4.41 -3.01 -16.58
C ARG A 87 -3.23 -3.57 -17.39
N LEU A 88 -1.99 -3.44 -16.91
CA LEU A 88 -0.84 -4.05 -17.59
C LEU A 88 -1.00 -5.56 -17.64
N LEU A 89 -1.41 -6.18 -16.53
CA LEU A 89 -1.55 -7.66 -16.42
C LEU A 89 -2.71 -8.17 -17.27
N GLN A 90 -3.80 -7.42 -17.37
CA GLN A 90 -5.03 -7.82 -18.10
C GLN A 90 -4.83 -7.67 -19.62
N PRO A 91 -5.64 -8.40 -20.42
CA PRO A 91 -5.62 -8.36 -21.88
C PRO A 91 -6.37 -7.09 -22.29
N ILE A 92 -5.66 -5.99 -22.20
CA ILE A 92 -6.21 -4.62 -22.37
C ILE A 92 -5.01 -3.76 -22.73
N ARG A 93 -5.19 -2.91 -23.74
CA ARG A 93 -4.19 -1.96 -24.26
C ARG A 93 -4.03 -0.85 -23.23
N VAL A 94 -2.83 -0.75 -22.68
CA VAL A 94 -2.40 0.41 -21.85
C VAL A 94 -1.56 1.28 -22.78
N PRO A 95 -1.87 2.59 -22.93
CA PRO A 95 -1.10 3.44 -23.83
C PRO A 95 0.37 3.38 -23.41
N ASN A 96 1.30 3.56 -24.33
CA ASN A 96 2.74 3.68 -23.98
C ASN A 96 2.96 5.15 -23.65
N TYR A 97 2.65 5.54 -22.41
CA TYR A 97 2.77 6.92 -21.86
C TYR A 97 4.19 7.43 -22.05
N ASN A 98 4.28 8.63 -22.61
CA ASN A 98 5.56 9.33 -22.87
C ASN A 98 6.10 9.80 -21.53
N LEU A 99 5.20 10.16 -20.61
CA LEU A 99 5.53 10.71 -19.27
C LEU A 99 4.72 9.96 -18.22
N ASN A 100 5.44 9.38 -17.28
CA ASN A 100 4.87 8.55 -16.19
C ASN A 100 5.18 9.25 -14.88
N ILE A 101 4.14 9.71 -14.20
CA ILE A 101 4.28 10.43 -12.91
C ILE A 101 3.69 9.55 -11.82
N MET A 102 4.53 9.14 -10.87
CA MET A 102 4.04 8.38 -9.71
C MET A 102 4.09 9.27 -8.47
N ASP A 103 2.92 9.60 -7.89
CA ASP A 103 2.86 10.29 -6.59
C ASP A 103 3.01 9.25 -5.47
N GLU A 104 3.53 9.71 -4.35
CA GLU A 104 3.79 8.86 -3.15
C GLU A 104 4.52 7.60 -3.64
N ALA A 105 5.63 7.80 -4.37
CA ALA A 105 6.37 6.76 -5.10
C ALA A 105 7.17 5.88 -4.13
N HIS A 106 7.05 6.09 -2.81
CA HIS A 106 7.68 5.20 -1.78
C HIS A 106 6.79 4.00 -1.45
N PHE A 107 5.57 3.94 -1.98
CA PHE A 107 4.57 2.92 -1.62
C PHE A 107 5.17 1.55 -1.88
N THR A 108 5.24 0.68 -0.86
CA THR A 108 5.90 -0.65 -0.96
C THR A 108 4.86 -1.77 -1.17
N ASP A 109 3.61 -1.47 -1.52
CA ASP A 109 2.68 -2.55 -1.96
C ASP A 109 3.20 -3.14 -3.28
N PRO A 110 3.03 -4.48 -3.47
CA PRO A 110 3.57 -5.14 -4.63
C PRO A 110 3.25 -4.46 -5.96
N SER A 111 2.01 -4.00 -6.13
CA SER A 111 1.55 -3.35 -7.39
C SER A 111 2.29 -2.03 -7.62
N SER A 112 2.65 -1.30 -6.56
CA SER A 112 3.39 -0.02 -6.69
C SER A 112 4.85 -0.35 -7.08
N ILE A 113 5.46 -1.33 -6.41
CA ILE A 113 6.86 -1.78 -6.70
C ILE A 113 6.92 -2.19 -8.17
N ALA A 114 5.95 -3.04 -8.61
CA ALA A 114 5.83 -3.48 -10.02
C ALA A 114 5.67 -2.28 -10.94
N ALA A 115 4.78 -1.36 -10.63
CA ALA A 115 4.60 -0.15 -11.49
C ALA A 115 5.96 0.56 -11.62
N ARG A 116 6.70 0.77 -10.52
CA ARG A 116 8.00 1.48 -10.59
C ARG A 116 8.98 0.67 -11.47
N GLY A 117 8.92 -0.66 -11.40
CA GLY A 117 9.81 -1.51 -12.19
C GLY A 117 9.55 -1.38 -13.67
N TYR A 118 8.28 -1.50 -14.05
CA TYR A 118 7.86 -1.37 -15.45
C TYR A 118 8.24 0.02 -15.99
N ILE A 119 7.95 1.09 -15.24
CA ILE A 119 8.16 2.46 -15.76
C ILE A 119 9.66 2.70 -15.88
N SER A 120 10.42 2.33 -14.85
CA SER A 120 11.88 2.59 -14.83
C SER A 120 12.53 1.78 -15.96
N THR A 121 12.02 0.60 -16.30
CA THR A 121 12.55 -0.21 -17.41
C THR A 121 12.25 0.51 -18.74
N ARG A 122 11.03 1.02 -18.92
CA ARG A 122 10.74 1.80 -20.15
C ARG A 122 11.69 3.00 -20.26
N VAL A 123 11.97 3.70 -19.16
CA VAL A 123 12.90 4.87 -19.18
C VAL A 123 14.32 4.38 -19.56
N GLU A 124 14.82 3.34 -18.91
CA GLU A 124 16.15 2.75 -19.21
C GLU A 124 16.22 2.37 -20.69
N MET A 125 15.14 1.86 -21.27
CA MET A 125 15.07 1.46 -22.69
C MET A 125 15.13 2.69 -23.61
N GLY A 126 14.93 3.90 -23.09
CA GLY A 126 14.92 5.14 -23.89
C GLY A 126 13.55 5.43 -24.48
N GLU A 127 12.51 4.83 -23.90
CA GLU A 127 11.15 4.82 -24.50
C GLU A 127 10.25 5.87 -23.85
N ALA A 128 10.60 6.41 -22.69
CA ALA A 128 9.70 7.24 -21.85
C ALA A 128 10.48 8.06 -20.82
N ALA A 129 9.84 9.09 -20.30
CA ALA A 129 10.28 9.85 -19.12
C ALA A 129 9.43 9.42 -17.91
N ALA A 130 9.93 9.66 -16.72
CA ALA A 130 9.22 9.36 -15.48
C ALA A 130 9.61 10.36 -14.42
N ILE A 131 8.66 10.65 -13.56
CA ILE A 131 8.87 11.47 -12.35
C ILE A 131 8.29 10.67 -11.19
N PHE A 132 9.14 10.30 -10.24
CA PHE A 132 8.74 9.68 -8.95
C PHE A 132 8.71 10.76 -7.88
N MET A 133 7.54 11.07 -7.34
CA MET A 133 7.36 12.11 -6.30
C MET A 133 7.30 11.45 -4.93
N THR A 134 8.31 11.69 -4.10
CA THR A 134 8.30 11.22 -2.70
C THR A 134 9.40 11.93 -1.94
N ALA A 135 9.10 12.30 -0.70
CA ALA A 135 10.08 12.79 0.29
C ALA A 135 11.07 11.68 0.64
N THR A 136 10.74 10.40 0.42
CA THR A 136 11.49 9.27 1.00
C THR A 136 11.74 8.25 -0.08
N PRO A 137 12.72 8.45 -1.00
CA PRO A 137 12.96 7.49 -2.06
C PRO A 137 13.59 6.23 -1.49
N PRO A 138 13.54 5.10 -2.23
CA PRO A 138 14.12 3.86 -1.76
C PRO A 138 15.55 4.03 -1.20
N GLY A 139 15.78 3.51 0.01
CA GLY A 139 17.09 3.51 0.66
C GLY A 139 17.34 4.79 1.44
N THR A 140 16.39 5.72 1.52
CA THR A 140 16.55 6.89 2.41
C THR A 140 16.90 6.38 3.82
N ARG A 141 17.78 7.10 4.50
CA ARG A 141 18.36 6.77 5.82
C ARG A 141 17.98 7.86 6.82
N ASP A 142 17.21 8.85 6.39
CA ASP A 142 16.83 10.04 7.21
C ASP A 142 15.37 9.90 7.65
N ALA A 143 15.15 9.54 8.91
CA ALA A 143 13.81 9.43 9.55
C ALA A 143 13.33 10.83 9.98
N PHE A 144 14.18 11.85 9.96
CA PHE A 144 13.81 13.19 10.48
C PHE A 144 14.04 14.27 9.44
N PRO A 145 13.37 14.18 8.26
CA PRO A 145 13.54 15.23 7.26
C PRO A 145 12.98 16.59 7.68
N ASP A 146 13.23 17.61 6.87
CA ASP A 146 12.71 18.97 7.09
C ASP A 146 11.18 18.95 7.07
N SER A 147 10.57 19.96 7.66
CA SER A 147 9.10 20.09 7.69
C SER A 147 8.76 21.57 7.52
N ASN A 148 7.49 21.85 7.26
CA ASN A 148 6.98 23.24 7.13
C ASN A 148 7.07 24.00 8.44
N SER A 149 6.87 23.33 9.60
CA SER A 149 7.11 23.93 10.92
C SER A 149 7.89 22.96 11.79
N PRO A 150 8.62 23.53 12.77
CA PRO A 150 9.43 22.75 13.69
C PRO A 150 8.57 21.71 14.40
N ILE A 151 9.13 20.51 14.47
CA ILE A 151 8.55 19.34 15.18
C ILE A 151 9.37 19.08 16.46
N MET A 152 8.67 18.76 17.54
CA MET A 152 9.25 18.27 18.82
C MET A 152 9.37 16.76 18.68
N ASP A 153 10.57 16.23 18.56
CA ASP A 153 10.83 14.77 18.40
C ASP A 153 11.17 14.20 19.78
N THR A 154 10.46 13.16 20.25
CA THR A 154 10.75 12.53 21.56
C THR A 154 10.73 11.01 21.42
N GLU A 155 11.83 10.39 21.82
CA GLU A 155 11.95 8.92 21.95
C GLU A 155 11.26 8.59 23.26
N VAL A 156 10.18 7.80 23.20
CA VAL A 156 9.40 7.44 24.41
C VAL A 156 8.85 6.02 24.26
N GLU A 157 8.64 5.32 25.37
CA GLU A 157 7.98 4.00 25.37
C GLU A 157 6.53 4.26 24.93
N VAL A 158 6.07 3.60 23.88
CA VAL A 158 4.69 3.74 23.38
C VAL A 158 3.95 2.45 23.66
N PRO A 159 2.76 2.49 24.29
CA PRO A 159 1.98 1.27 24.50
C PRO A 159 1.63 0.58 23.19
N GLU A 160 1.67 -0.75 23.19
CA GLU A 160 1.20 -1.60 22.08
C GLU A 160 0.05 -2.49 22.55
N ARG A 161 -0.36 -2.30 23.79
CA ARG A 161 -1.47 -3.03 24.44
C ARG A 161 -2.29 -2.03 25.23
N ALA A 162 -3.49 -2.41 25.68
CA ALA A 162 -4.26 -1.64 26.68
C ALA A 162 -3.36 -1.33 27.88
N TRP A 163 -3.50 -0.17 28.50
CA TRP A 163 -2.73 0.18 29.73
C TRP A 163 -3.68 0.74 30.79
N SER A 164 -3.30 0.62 32.07
CA SER A 164 -4.03 1.20 33.23
C SER A 164 -3.27 2.41 33.77
N SER A 165 -1.97 2.49 33.54
CA SER A 165 -1.07 3.48 34.16
C SER A 165 0.25 3.53 33.42
N GLY A 166 1.03 4.58 33.66
CA GLY A 166 2.41 4.71 33.17
C GLY A 166 2.51 5.50 31.89
N PHE A 167 1.39 5.83 31.23
CA PHE A 167 1.37 6.56 29.93
C PHE A 167 0.45 7.79 30.01
N ASP A 168 0.49 8.55 31.10
CA ASP A 168 -0.45 9.69 31.29
C ASP A 168 -0.34 10.65 30.09
N TRP A 169 0.85 10.84 29.54
CA TRP A 169 1.11 11.78 28.41
C TRP A 169 0.24 11.43 27.20
N VAL A 170 -0.11 10.17 27.02
CA VAL A 170 -0.98 9.78 25.88
C VAL A 170 -2.35 10.47 26.00
N THR A 171 -3.04 10.35 27.14
CA THR A 171 -4.45 10.83 27.28
C THR A 171 -4.49 12.28 27.81
N ASP A 172 -3.43 12.82 28.43
CA ASP A 172 -3.43 14.18 29.03
C ASP A 172 -3.47 15.28 27.96
N HIS A 173 -3.34 14.89 26.71
CA HIS A 173 -3.24 15.74 25.50
C HIS A 173 -4.63 16.22 25.09
N SER A 174 -4.76 17.46 24.61
CA SER A 174 -6.07 18.07 24.28
C SER A 174 -6.24 18.26 22.77
N GLY A 175 -5.22 17.95 21.96
CA GLY A 175 -5.28 18.14 20.49
C GLY A 175 -5.71 16.86 19.80
N LYS A 176 -5.26 16.69 18.57
CA LYS A 176 -5.58 15.50 17.74
C LYS A 176 -4.30 14.71 17.46
N THR A 177 -4.38 13.39 17.66
CA THR A 177 -3.23 12.46 17.57
C THR A 177 -3.50 11.44 16.48
N VAL A 178 -2.56 11.32 15.54
CA VAL A 178 -2.47 10.17 14.61
C VAL A 178 -1.50 9.16 15.21
N TRP A 179 -1.98 7.93 15.39
CA TRP A 179 -1.21 6.87 16.10
C TRP A 179 -1.01 5.69 15.15
N PHE A 180 0.23 5.49 14.76
CA PHE A 180 0.67 4.39 13.87
C PHE A 180 0.96 3.15 14.72
N VAL A 181 0.18 2.11 14.42
CA VAL A 181 0.24 0.75 15.03
C VAL A 181 0.69 -0.27 14.00
N PRO A 182 1.27 -1.40 14.45
CA PRO A 182 1.79 -2.40 13.52
C PRO A 182 0.74 -3.24 12.80
N SER A 183 -0.49 -3.29 13.31
CA SER A 183 -1.52 -4.16 12.72
C SER A 183 -2.90 -3.70 13.11
N VAL A 184 -3.88 -4.16 12.36
CA VAL A 184 -5.31 -3.88 12.63
C VAL A 184 -5.65 -4.36 14.04
N ARG A 185 -5.26 -5.59 14.39
CA ARG A 185 -5.62 -6.22 15.68
C ARG A 185 -4.99 -5.40 16.84
N ASN A 186 -3.75 -4.92 16.70
N ASN A 186 -3.75 -4.95 16.66
CA ASN A 186 -3.07 -4.09 17.74
CA ASN A 186 -3.05 -4.09 17.64
C ASN A 186 -3.80 -2.74 17.84
C ASN A 186 -3.85 -2.79 17.83
N GLY A 187 -4.23 -2.15 16.72
CA GLY A 187 -5.01 -0.89 16.76
C GLY A 187 -6.37 -1.08 17.47
N ASN A 188 -7.02 -2.22 17.27
CA ASN A 188 -8.34 -2.54 17.89
C ASN A 188 -8.21 -2.46 19.41
N GLU A 189 -7.15 -3.03 19.96
CA GLU A 189 -6.91 -3.06 21.42
C GLU A 189 -6.65 -1.64 21.93
N ILE A 190 -5.77 -0.88 21.25
CA ILE A 190 -5.45 0.51 21.65
C ILE A 190 -6.72 1.36 21.51
N ALA A 191 -7.43 1.23 20.40
CA ALA A 191 -8.67 2.00 20.14
C ALA A 191 -9.68 1.73 21.27
N ALA A 192 -9.86 0.49 21.70
CA ALA A 192 -10.80 0.12 22.78
C ALA A 192 -10.36 0.79 24.10
N CYS A 193 -9.07 0.73 24.42
CA CYS A 193 -8.54 1.34 25.65
C CYS A 193 -8.81 2.84 25.65
N LEU A 194 -8.55 3.53 24.54
CA LEU A 194 -8.74 5.00 24.42
C LEU A 194 -10.25 5.31 24.49
N THR A 195 -11.08 4.56 23.80
CA THR A 195 -12.57 4.75 23.84
C THR A 195 -13.05 4.61 25.30
N LYS A 196 -12.58 3.59 25.99
CA LYS A 196 -12.89 3.42 27.44
C LYS A 196 -12.46 4.66 28.25
N ALA A 197 -11.40 5.40 27.87
CA ALA A 197 -10.93 6.58 28.65
C ALA A 197 -11.65 7.85 28.17
N GLY A 198 -12.69 7.72 27.37
CA GLY A 198 -13.53 8.83 26.90
C GLY A 198 -13.03 9.45 25.62
N LYS A 199 -12.13 8.79 24.87
CA LYS A 199 -11.59 9.37 23.60
C LYS A 199 -12.45 8.97 22.40
N ARG A 200 -12.54 9.86 21.43
CA ARG A 200 -13.17 9.58 20.13
C ARG A 200 -12.12 9.07 19.17
N VAL A 201 -12.28 7.84 18.70
CA VAL A 201 -11.21 7.15 17.94
C VAL A 201 -11.75 6.76 16.59
N ILE A 202 -10.97 7.00 15.55
CA ILE A 202 -11.25 6.52 14.18
C ILE A 202 -10.13 5.52 13.90
N GLN A 203 -10.47 4.38 13.31
CA GLN A 203 -9.49 3.35 12.92
C GLN A 203 -9.40 3.30 11.40
N LEU A 204 -8.18 3.37 10.87
CA LEU A 204 -7.90 3.23 9.44
C LEU A 204 -7.06 1.98 9.18
N SER A 205 -7.44 1.26 8.15
CA SER A 205 -6.60 0.19 7.56
C SER A 205 -6.79 0.21 6.05
N ARG A 206 -6.04 -0.62 5.31
CA ARG A 206 -6.14 -0.69 3.83
C ARG A 206 -7.58 -0.97 3.43
N LYS A 207 -8.24 -1.90 4.11
CA LYS A 207 -9.58 -2.42 3.70
C LYS A 207 -10.64 -1.35 3.95
N THR A 208 -10.45 -0.49 4.95
CA THR A 208 -11.48 0.46 5.42
C THR A 208 -11.14 1.90 5.01
N PHE A 209 -9.98 2.14 4.40
CA PHE A 209 -9.37 3.48 4.26
C PHE A 209 -10.36 4.50 3.65
N GLU A 210 -10.92 4.29 2.45
CA GLU A 210 -11.73 5.37 1.80
C GLU A 210 -12.89 5.76 2.71
N THR A 211 -13.69 4.78 3.13
CA THR A 211 -14.87 5.00 4.00
C THR A 211 -14.47 5.71 5.28
N GLU A 212 -13.51 5.14 6.03
CA GLU A 212 -13.21 5.63 7.40
C GLU A 212 -12.50 6.98 7.32
N PHE A 213 -11.66 7.21 6.31
CA PHE A 213 -10.87 8.46 6.18
C PHE A 213 -11.84 9.65 6.14
N GLN A 214 -13.01 9.47 5.53
CA GLN A 214 -14.00 10.58 5.41
C GLN A 214 -14.42 11.05 6.79
N LYS A 215 -14.45 10.15 7.78
CA LYS A 215 -14.83 10.48 9.18
C LYS A 215 -13.85 11.49 9.78
N THR A 216 -12.60 11.54 9.31
CA THR A 216 -11.60 12.46 9.89
C THR A 216 -12.00 13.88 9.51
N LYS A 217 -12.76 14.05 8.44
CA LYS A 217 -13.22 15.37 7.94
C LYS A 217 -14.64 15.69 8.44
N ASN A 218 -15.51 14.68 8.55
CA ASN A 218 -16.97 14.83 8.79
C ASN A 218 -17.29 14.81 10.28
N GLN A 219 -16.39 14.36 11.16
CA GLN A 219 -16.68 14.38 12.61
C GLN A 219 -15.44 14.81 13.39
N GLU A 220 -15.68 15.31 14.60
CA GLU A 220 -14.62 15.61 15.58
C GLU A 220 -14.07 14.27 16.09
N TRP A 221 -12.78 14.24 16.34
CA TRP A 221 -12.05 13.03 16.79
C TRP A 221 -10.86 13.49 17.63
N ASP A 222 -10.38 12.62 18.50
CA ASP A 222 -9.20 12.83 19.39
C ASP A 222 -8.01 12.01 18.88
N PHE A 223 -8.28 10.81 18.39
CA PHE A 223 -7.27 9.88 17.87
C PHE A 223 -7.73 9.26 16.55
N VAL A 224 -6.80 9.23 15.63
CA VAL A 224 -6.82 8.28 14.49
C VAL A 224 -5.82 7.15 14.78
N ILE A 225 -6.31 5.93 14.80
CA ILE A 225 -5.49 4.69 14.95
C ILE A 225 -5.33 4.10 13.55
N THR A 226 -4.12 4.07 13.04
CA THR A 226 -3.89 3.68 11.62
C THR A 226 -2.70 2.73 11.52
N THR A 227 -2.81 1.82 10.58
CA THR A 227 -1.67 1.02 10.08
C THR A 227 -0.83 1.92 9.15
N ASP A 228 0.21 1.34 8.59
CA ASP A 228 1.18 2.00 7.68
C ASP A 228 0.48 2.61 6.45
N ILE A 229 -0.81 2.34 6.13
CA ILE A 229 -1.43 2.89 4.88
C ILE A 229 -1.47 4.43 4.93
N SER A 230 -1.48 5.00 6.13
CA SER A 230 -1.56 6.49 6.28
C SER A 230 -0.20 7.14 6.04
N GLU A 231 0.82 6.34 5.71
CA GLU A 231 2.11 6.84 5.17
C GLU A 231 1.98 7.33 3.72
N MET A 232 0.89 7.01 3.00
CA MET A 232 0.77 7.30 1.55
C MET A 232 -0.09 8.56 1.29
N GLY A 233 0.35 9.71 1.80
CA GLY A 233 -0.18 11.03 1.44
C GLY A 233 -1.52 11.35 2.08
N ALA A 234 -1.95 10.54 3.07
CA ALA A 234 -3.13 10.80 3.93
C ALA A 234 -2.82 12.03 4.76
N ASN A 235 -3.65 13.08 4.70
CA ASN A 235 -3.44 14.30 5.51
C ASN A 235 -4.54 14.47 6.56
N PHE A 236 -4.11 14.90 7.74
CA PHE A 236 -4.93 15.04 8.94
C PHE A 236 -4.69 16.44 9.48
N LYS A 237 -5.66 17.00 10.18
CA LYS A 237 -5.48 18.34 10.83
C LYS A 237 -5.01 18.05 12.25
N ALA A 238 -3.81 17.50 12.43
CA ALA A 238 -3.40 16.90 13.71
C ALA A 238 -2.25 17.69 14.32
N ASP A 239 -2.05 17.61 15.62
CA ASP A 239 -0.88 18.27 16.23
C ASP A 239 0.08 17.25 16.85
N ARG A 240 -0.17 15.95 16.72
CA ARG A 240 0.72 14.97 17.35
C ARG A 240 0.66 13.68 16.54
N VAL A 241 1.81 13.10 16.32
CA VAL A 241 1.91 11.68 15.88
C VAL A 241 2.49 10.87 17.03
N ILE A 242 1.81 9.77 17.36
CA ILE A 242 2.42 8.70 18.18
C ILE A 242 2.81 7.58 17.21
N ASP A 243 4.07 7.18 17.22
CA ASP A 243 4.56 6.15 16.28
C ASP A 243 5.14 4.98 17.07
N SER A 244 4.51 3.80 16.99
CA SER A 244 5.07 2.52 17.54
C SER A 244 6.46 2.29 16.93
N ARG A 245 6.66 2.77 15.70
CA ARG A 245 7.87 2.50 14.90
C ARG A 245 7.90 1.01 14.56
N ARG A 246 6.75 0.35 14.56
CA ARG A 246 6.71 -1.10 14.22
C ARG A 246 5.71 -1.36 13.10
N CYS A 247 5.92 -2.48 12.44
CA CYS A 247 5.11 -2.97 11.31
C CYS A 247 5.21 -4.49 11.32
N LEU A 248 4.31 -5.13 10.61
CA LEU A 248 4.43 -6.57 10.28
C LEU A 248 5.15 -6.71 8.96
N LYS A 249 5.88 -7.81 8.80
CA LYS A 249 6.66 -8.07 7.58
C LYS A 249 6.17 -9.41 7.07
N PRO A 250 5.52 -9.48 5.89
CA PRO A 250 5.29 -10.76 5.25
C PRO A 250 6.61 -11.40 4.81
N VAL A 251 6.80 -12.67 5.18
CA VAL A 251 8.04 -13.44 4.96
C VAL A 251 7.63 -14.78 4.37
N ILE A 252 8.21 -15.14 3.25
CA ILE A 252 8.00 -16.48 2.66
C ILE A 252 9.02 -17.41 3.32
N LEU A 253 8.53 -18.46 4.00
CA LEU A 253 9.38 -19.46 4.71
C LEU A 253 9.50 -20.67 3.79
N ASP A 254 10.73 -20.96 3.34
CA ASP A 254 11.07 -22.20 2.59
C ASP A 254 10.27 -22.30 1.30
N GLY A 255 9.88 -21.19 0.69
CA GLY A 255 9.13 -21.19 -0.58
C GLY A 255 7.73 -21.79 -0.46
N GLU A 256 7.24 -22.02 0.76
CA GLU A 256 6.12 -22.96 1.11
C GLU A 256 4.93 -22.27 1.81
N ARG A 257 5.17 -21.20 2.57
CA ARG A 257 4.11 -20.52 3.34
C ARG A 257 4.51 -19.07 3.52
N VAL A 258 3.55 -18.23 3.80
CA VAL A 258 3.80 -16.82 4.20
C VAL A 258 3.36 -16.63 5.66
N ILE A 259 4.27 -16.09 6.47
CA ILE A 259 3.97 -15.67 7.86
C ILE A 259 4.00 -14.15 7.90
N LEU A 260 3.31 -13.58 8.87
CA LEU A 260 3.45 -12.15 9.21
C LEU A 260 4.38 -12.05 10.41
N ALA A 261 5.67 -11.81 10.14
CA ALA A 261 6.74 -11.71 11.14
C ALA A 261 6.62 -10.34 11.81
N GLY A 262 7.04 -10.28 13.05
CA GLY A 262 7.07 -9.04 13.84
C GLY A 262 6.07 -9.10 14.98
N PRO A 263 5.63 -7.93 15.45
CA PRO A 263 6.03 -6.67 14.84
C PRO A 263 7.54 -6.36 14.95
N MET A 264 8.03 -5.59 13.98
CA MET A 264 9.47 -5.25 13.92
C MET A 264 9.66 -3.83 13.42
N PRO A 265 10.87 -3.26 13.54
CA PRO A 265 11.07 -1.83 13.26
C PRO A 265 10.64 -1.47 11.82
N VAL A 266 10.16 -0.26 11.66
CA VAL A 266 9.82 0.32 10.33
C VAL A 266 11.13 0.73 9.64
N THR A 267 11.07 0.95 8.33
CA THR A 267 12.20 1.55 7.60
C THR A 267 12.32 3.03 7.98
N HIS A 268 13.43 3.65 7.62
CA HIS A 268 13.60 5.12 7.80
C HIS A 268 12.54 5.86 6.98
N ALA A 269 12.25 5.38 5.78
CA ALA A 269 11.26 6.03 4.88
C ALA A 269 9.90 6.04 5.58
N SER A 270 9.49 4.89 6.10
CA SER A 270 8.20 4.73 6.83
C SER A 270 8.20 5.67 8.04
N ALA A 271 9.26 5.69 8.83
CA ALA A 271 9.36 6.56 10.02
C ALA A 271 9.19 8.01 9.58
N ALA A 272 9.88 8.45 8.52
CA ALA A 272 9.82 9.85 8.05
C ALA A 272 8.40 10.18 7.56
N GLN A 273 7.73 9.27 6.86
CA GLN A 273 6.34 9.51 6.35
C GLN A 273 5.34 9.56 7.53
N ARG A 274 5.54 8.75 8.56
CA ARG A 274 4.66 8.75 9.76
C ARG A 274 4.81 10.10 10.45
N ARG A 275 6.04 10.46 10.74
CA ARG A 275 6.37 11.76 11.35
C ARG A 275 5.82 12.88 10.47
N GLY A 276 5.95 12.73 9.16
CA GLY A 276 5.61 13.77 8.18
C GLY A 276 4.13 14.04 8.11
N ARG A 277 3.29 13.32 8.87
CA ARG A 277 1.85 13.66 8.96
C ARG A 277 1.70 14.98 9.71
N ILE A 278 2.68 15.36 10.53
CA ILE A 278 2.55 16.62 11.31
C ILE A 278 3.70 17.56 10.99
N GLY A 279 3.71 18.77 11.56
CA GLY A 279 4.69 19.81 11.23
C GLY A 279 4.42 20.37 9.83
N ARG A 280 3.23 20.14 9.27
CA ARG A 280 2.92 20.48 7.86
C ARG A 280 2.38 21.92 7.75
N ASN A 281 2.03 22.56 8.86
CA ASN A 281 1.42 23.93 8.80
C ASN A 281 2.41 24.94 9.39
N PRO A 282 2.99 25.83 8.57
CA PRO A 282 3.97 26.80 9.08
C PRO A 282 3.30 27.76 10.08
N ASN A 283 1.96 27.87 10.02
CA ASN A 283 1.14 28.69 10.95
C ASN A 283 0.64 27.89 12.16
N LYS A 284 1.24 26.73 12.45
CA LYS A 284 0.92 25.93 13.65
C LYS A 284 2.17 25.21 14.11
N PRO A 285 3.10 25.89 14.81
CA PRO A 285 4.30 25.23 15.31
C PRO A 285 3.94 24.50 16.61
N GLY A 286 4.85 23.67 17.09
CA GLY A 286 4.68 22.91 18.33
C GLY A 286 4.11 21.52 18.11
N ASP A 287 4.00 21.08 16.86
CA ASP A 287 3.54 19.69 16.59
C ASP A 287 4.58 18.73 17.20
N GLU A 288 4.10 17.57 17.68
CA GLU A 288 4.92 16.60 18.44
C GLU A 288 4.96 15.27 17.71
N TYR A 289 6.13 14.63 17.74
CA TYR A 289 6.35 13.27 17.20
C TYR A 289 6.95 12.44 18.33
N MET A 290 6.18 11.47 18.80
CA MET A 290 6.61 10.58 19.88
C MET A 290 6.88 9.23 19.24
N TYR A 291 8.08 8.69 19.39
CA TYR A 291 8.43 7.45 18.66
C TYR A 291 8.94 6.43 19.67
N GLY A 292 8.54 5.17 19.48
CA GLY A 292 8.66 4.08 20.47
C GLY A 292 9.67 3.02 20.08
N GLY A 293 10.60 3.32 19.17
CA GLY A 293 11.58 2.32 18.71
C GLY A 293 12.48 2.88 17.63
N GLY A 294 13.49 2.13 17.25
CA GLY A 294 14.44 2.51 16.19
C GLY A 294 13.91 2.11 14.82
N CYS A 295 14.64 2.48 13.78
CA CYS A 295 14.38 2.03 12.39
C CYS A 295 15.38 0.94 12.04
N ALA A 296 15.01 0.15 11.04
CA ALA A 296 15.85 -0.90 10.44
C ALA A 296 15.39 -1.15 9.01
N GLU A 297 16.20 -1.78 8.17
N GLU A 297 16.20 -1.91 8.27
CA GLU A 297 15.80 -1.97 6.74
CA GLU A 297 16.03 -2.25 6.83
C GLU A 297 15.09 -3.33 6.64
C GLU A 297 15.11 -3.46 6.70
N THR A 298 13.86 -3.34 7.16
CA THR A 298 12.92 -4.50 7.22
C THR A 298 12.23 -4.70 5.87
N ASP A 299 12.54 -3.89 4.85
CA ASP A 299 12.12 -4.23 3.46
C ASP A 299 13.04 -5.34 2.90
N GLU A 300 14.19 -5.59 3.49
CA GLU A 300 15.10 -6.68 3.02
C GLU A 300 14.46 -8.03 3.35
N GLY A 301 14.24 -8.88 2.34
CA GLY A 301 13.57 -10.18 2.50
C GLY A 301 12.07 -10.08 2.65
N HIS A 302 11.48 -8.90 2.43
CA HIS A 302 10.04 -8.65 2.61
C HIS A 302 9.30 -9.25 1.40
N ALA A 303 8.22 -9.98 1.61
CA ALA A 303 7.59 -10.74 0.48
C ALA A 303 7.15 -9.79 -0.65
N HIS A 304 6.86 -8.52 -0.36
CA HIS A 304 6.30 -7.62 -1.38
C HIS A 304 7.22 -7.50 -2.59
N TRP A 305 8.55 -7.56 -2.41
CA TRP A 305 9.51 -7.40 -3.52
C TRP A 305 9.52 -8.69 -4.36
N LEU A 306 9.33 -9.82 -3.73
CA LEU A 306 9.24 -11.10 -4.49
C LEU A 306 7.88 -11.13 -5.22
N GLU A 307 6.81 -10.75 -4.56
CA GLU A 307 5.47 -10.60 -5.22
C GLU A 307 5.54 -9.62 -6.42
N ALA A 308 6.24 -8.48 -6.29
CA ALA A 308 6.44 -7.52 -7.40
C ALA A 308 7.11 -8.21 -8.59
N ARG A 309 8.11 -9.07 -8.34
CA ARG A 309 8.76 -9.92 -9.38
C ARG A 309 7.74 -10.86 -10.04
N MET A 310 6.85 -11.47 -9.28
CA MET A 310 5.78 -12.33 -9.83
C MET A 310 4.91 -11.51 -10.77
N LEU A 311 4.58 -10.28 -10.42
CA LEU A 311 3.72 -9.45 -11.26
C LEU A 311 4.49 -9.07 -12.55
N LEU A 312 5.73 -8.59 -12.42
CA LEU A 312 6.51 -8.10 -13.57
C LEU A 312 6.83 -9.26 -14.52
N ASP A 313 7.01 -10.45 -13.99
CA ASP A 313 7.28 -11.63 -14.86
C ASP A 313 6.07 -11.90 -15.75
N ASN A 314 4.90 -11.40 -15.41
CA ASN A 314 3.63 -11.73 -16.11
C ASN A 314 3.07 -10.49 -16.81
N ILE A 315 3.89 -9.47 -16.95
CA ILE A 315 3.55 -8.29 -17.78
C ILE A 315 4.38 -8.31 -19.06
N TYR A 316 3.69 -8.28 -20.20
CA TYR A 316 4.32 -8.11 -21.53
C TYR A 316 5.05 -6.77 -21.60
N LEU A 317 6.30 -6.79 -22.05
CA LEU A 317 7.12 -5.57 -22.28
C LEU A 317 7.48 -5.48 -23.77
N GLN A 318 8.24 -6.44 -24.26
CA GLN A 318 8.67 -6.56 -25.67
C GLN A 318 9.22 -7.99 -25.83
N ASP A 319 8.66 -8.75 -26.76
CA ASP A 319 9.01 -10.18 -27.01
C ASP A 319 9.08 -10.94 -25.67
N GLY A 320 10.23 -11.53 -25.34
CA GLY A 320 10.38 -12.28 -24.10
C GLY A 320 11.01 -11.45 -23.01
N LEU A 321 11.25 -10.15 -23.26
CA LEU A 321 11.91 -9.26 -22.27
C LEU A 321 10.99 -9.03 -21.06
N ILE A 322 11.60 -8.79 -19.93
CA ILE A 322 10.87 -8.71 -18.63
C ILE A 322 11.40 -7.50 -17.89
N ALA A 323 10.51 -6.69 -17.36
CA ALA A 323 10.89 -5.47 -16.63
C ALA A 323 11.64 -5.88 -15.36
N SER A 324 12.67 -5.10 -15.06
CA SER A 324 13.46 -5.17 -13.82
C SER A 324 12.79 -4.33 -12.76
N LEU A 325 13.02 -4.66 -11.47
CA LEU A 325 12.74 -3.72 -10.37
C LEU A 325 13.53 -2.43 -10.56
N TYR A 326 12.97 -1.33 -10.09
CA TYR A 326 13.64 -0.04 -10.06
C TYR A 326 14.95 -0.23 -9.29
N ARG A 327 16.05 0.22 -9.89
CA ARG A 327 17.42 -0.13 -9.46
C ARG A 327 17.55 0.00 -7.93
N PRO A 328 17.22 1.11 -7.26
CA PRO A 328 17.47 1.24 -5.83
C PRO A 328 16.77 0.22 -4.91
N GLU A 329 15.77 -0.50 -5.42
CA GLU A 329 15.03 -1.47 -4.57
C GLU A 329 15.21 -2.88 -5.16
N ALA A 330 16.11 -3.05 -6.12
CA ALA A 330 16.23 -4.32 -6.87
C ALA A 330 16.99 -5.39 -6.08
N ASP A 331 17.62 -5.07 -4.95
CA ASP A 331 18.38 -6.09 -4.16
C ASP A 331 17.59 -6.55 -2.94
N LYS A 332 16.33 -6.15 -2.81
CA LYS A 332 15.54 -6.46 -1.58
C LYS A 332 15.13 -7.93 -1.64
N VAL A 333 15.23 -8.57 -2.82
CA VAL A 333 14.72 -9.96 -3.03
C VAL A 333 15.81 -10.79 -3.73
N ALA A 334 16.00 -12.05 -3.31
CA ALA A 334 16.71 -13.05 -4.14
C ALA A 334 15.68 -13.59 -5.15
N ALA A 335 15.73 -13.13 -6.39
CA ALA A 335 14.75 -13.50 -7.45
C ALA A 335 15.37 -13.27 -8.82
N ILE A 336 15.15 -14.19 -9.75
CA ILE A 336 15.70 -14.07 -11.13
C ILE A 336 14.56 -13.68 -12.04
N GLU A 337 14.81 -12.67 -12.87
CA GLU A 337 13.80 -12.16 -13.82
C GLU A 337 13.34 -13.36 -14.65
N GLY A 338 12.04 -13.54 -14.73
CA GLY A 338 11.42 -14.57 -15.57
C GLY A 338 11.12 -15.87 -14.81
N GLU A 339 11.63 -16.04 -13.59
CA GLU A 339 11.45 -17.32 -12.88
C GLU A 339 9.95 -17.57 -12.64
N PHE A 340 9.11 -16.55 -12.52
CA PHE A 340 7.66 -16.69 -12.18
C PHE A 340 6.77 -16.50 -13.42
N LYS A 341 7.35 -16.46 -14.62
CA LYS A 341 6.58 -16.28 -15.86
C LYS A 341 5.66 -17.49 -16.08
N LEU A 342 4.37 -17.27 -16.22
CA LEU A 342 3.37 -18.36 -16.40
C LEU A 342 2.93 -18.42 -17.86
N ARG A 343 2.58 -19.64 -18.29
CA ARG A 343 1.91 -19.91 -19.59
C ARG A 343 0.54 -19.23 -19.60
N THR A 344 -0.06 -19.08 -20.78
CA THR A 344 -1.18 -18.15 -21.02
C THR A 344 -2.33 -18.45 -20.04
N GLU A 345 -2.79 -19.70 -19.98
CA GLU A 345 -3.98 -20.07 -19.15
C GLU A 345 -3.63 -19.96 -17.66
N GLN A 346 -2.45 -20.41 -17.23
CA GLN A 346 -2.05 -20.26 -15.81
C GLN A 346 -1.94 -18.76 -15.49
N ARG A 347 -1.51 -17.91 -16.42
CA ARG A 347 -1.37 -16.46 -16.13
C ARG A 347 -2.75 -15.84 -15.96
N LYS A 348 -3.73 -16.20 -16.78
CA LYS A 348 -5.09 -15.64 -16.65
C LYS A 348 -5.64 -16.02 -15.28
N THR A 349 -5.38 -17.24 -14.85
CA THR A 349 -5.87 -17.76 -13.55
C THR A 349 -5.22 -16.94 -12.43
N PHE A 350 -3.92 -16.67 -12.53
CA PHE A 350 -3.15 -15.85 -11.56
C PHE A 350 -3.79 -14.48 -11.46
N VAL A 351 -4.04 -13.84 -12.60
CA VAL A 351 -4.68 -12.50 -12.60
C VAL A 351 -6.04 -12.57 -11.91
N GLU A 352 -6.87 -13.53 -12.28
CA GLU A 352 -8.24 -13.58 -11.72
C GLU A 352 -8.19 -13.87 -10.22
N LEU A 353 -7.29 -14.73 -9.75
CA LEU A 353 -7.19 -15.02 -8.31
C LEU A 353 -6.86 -13.71 -7.56
N MET A 354 -6.13 -12.82 -8.22
CA MET A 354 -5.84 -11.51 -7.57
C MET A 354 -7.01 -10.56 -7.77
N LYS A 355 -7.51 -10.35 -8.98
CA LYS A 355 -8.50 -9.29 -9.28
C LYS A 355 -9.87 -9.65 -8.67
N ARG A 356 -10.37 -10.86 -8.90
CA ARG A 356 -11.68 -11.30 -8.39
C ARG A 356 -11.49 -12.00 -7.03
N GLY A 357 -10.52 -12.90 -6.94
CA GLY A 357 -10.28 -13.70 -5.73
C GLY A 357 -9.81 -12.84 -4.58
N ASP A 358 -9.20 -11.70 -4.89
CA ASP A 358 -8.61 -10.78 -3.88
C ASP A 358 -7.57 -11.51 -3.03
N LEU A 359 -6.95 -12.56 -3.55
CA LEU A 359 -5.86 -13.25 -2.83
C LEU A 359 -4.56 -12.48 -2.92
N PRO A 360 -3.68 -12.59 -1.90
CA PRO A 360 -2.33 -12.04 -2.02
C PRO A 360 -1.63 -12.60 -3.25
N VAL A 361 -0.73 -11.80 -3.84
CA VAL A 361 0.03 -12.22 -5.05
C VAL A 361 0.65 -13.61 -4.83
N TRP A 362 1.37 -13.82 -3.73
CA TRP A 362 2.12 -15.08 -3.53
C TRP A 362 1.15 -16.26 -3.60
N LEU A 363 0.02 -16.17 -2.90
CA LEU A 363 -0.94 -17.28 -2.85
C LEU A 363 -1.57 -17.49 -4.23
N ALA A 364 -1.95 -16.41 -4.91
CA ALA A 364 -2.48 -16.49 -6.30
C ALA A 364 -1.50 -17.25 -7.19
N TYR A 365 -0.21 -16.94 -7.07
CA TYR A 365 0.86 -17.61 -7.85
C TYR A 365 0.92 -19.10 -7.54
N GLN A 366 0.92 -19.50 -6.26
CA GLN A 366 0.99 -20.93 -5.89
C GLN A 366 -0.18 -21.67 -6.56
N VAL A 367 -1.39 -21.10 -6.50
CA VAL A 367 -2.60 -21.81 -7.01
C VAL A 367 -2.52 -21.92 -8.54
N ALA A 368 -2.22 -20.82 -9.22
CA ALA A 368 -2.17 -20.77 -10.69
C ALA A 368 -1.04 -21.66 -11.21
N SER A 369 0.13 -21.62 -10.56
CA SER A 369 1.33 -22.36 -11.01
C SER A 369 1.10 -23.85 -10.81
N ALA A 370 0.20 -24.23 -9.88
CA ALA A 370 -0.14 -25.65 -9.60
C ALA A 370 -1.13 -26.19 -10.65
N GLY A 371 -1.61 -25.34 -11.56
CA GLY A 371 -2.54 -25.72 -12.64
C GLY A 371 -3.97 -25.87 -12.14
N ILE A 372 -4.31 -25.20 -11.04
CA ILE A 372 -5.68 -25.14 -10.49
C ILE A 372 -6.43 -24.00 -11.20
N THR A 373 -7.67 -24.23 -11.63
CA THR A 373 -8.48 -23.20 -12.32
C THR A 373 -9.14 -22.32 -11.27
N TYR A 374 -9.59 -21.14 -11.68
CA TYR A 374 -9.98 -20.07 -10.73
C TYR A 374 -11.06 -20.59 -9.76
N THR A 375 -12.08 -21.33 -10.23
CA THR A 375 -13.27 -21.70 -9.42
C THR A 375 -13.06 -23.02 -8.64
N ASP A 376 -11.93 -23.67 -8.85
CA ASP A 376 -11.58 -24.92 -8.13
C ASP A 376 -10.98 -24.59 -6.75
N ARG A 377 -11.74 -24.83 -5.69
CA ARG A 377 -11.41 -24.41 -4.32
C ARG A 377 -11.06 -25.62 -3.48
N ARG A 378 -10.92 -26.80 -4.10
CA ARG A 378 -10.52 -27.98 -3.32
C ARG A 378 -9.25 -27.73 -2.50
N TRP A 379 -8.27 -27.01 -3.04
CA TRP A 379 -7.02 -26.64 -2.32
C TRP A 379 -7.27 -25.88 -0.99
N CYS A 380 -8.43 -25.26 -0.78
CA CYS A 380 -8.71 -24.51 0.47
C CYS A 380 -8.92 -25.48 1.64
N PHE A 381 -9.03 -26.79 1.36
CA PHE A 381 -9.47 -27.82 2.33
C PHE A 381 -8.49 -28.97 2.48
N ASP A 382 -7.48 -29.11 1.60
CA ASP A 382 -6.69 -30.37 1.49
C ASP A 382 -5.23 -30.15 1.95
N GLY A 383 -4.96 -29.12 2.75
CA GLY A 383 -3.63 -28.89 3.35
C GLY A 383 -3.39 -29.75 4.59
N THR A 384 -2.17 -29.71 5.13
CA THR A 384 -1.79 -30.44 6.36
C THR A 384 -2.59 -29.89 7.54
N THR A 385 -2.68 -30.65 8.62
CA THR A 385 -3.31 -30.22 9.90
C THR A 385 -2.77 -28.85 10.35
N ASN A 386 -1.48 -28.60 10.21
CA ASN A 386 -0.89 -27.36 10.79
C ASN A 386 -1.19 -26.16 9.88
N ASN A 387 -1.79 -26.35 8.69
CA ASN A 387 -2.34 -25.26 7.85
C ASN A 387 -3.80 -24.92 8.22
N THR A 388 -4.36 -25.55 9.26
CA THR A 388 -5.71 -25.26 9.77
C THR A 388 -5.82 -23.79 10.17
N ILE A 389 -6.80 -23.10 9.60
CA ILE A 389 -7.02 -21.69 9.99
C ILE A 389 -7.93 -21.70 11.21
N MET A 390 -7.54 -20.94 12.23
CA MET A 390 -8.22 -20.90 13.53
C MET A 390 -9.04 -19.60 13.58
N GLU A 391 -10.27 -19.68 14.09
N GLU A 391 -10.24 -19.71 14.14
CA GLU A 391 -11.15 -18.52 14.39
CA GLU A 391 -11.19 -18.60 14.40
C GLU A 391 -11.57 -18.62 15.85
C GLU A 391 -11.57 -18.65 15.88
N ASP A 392 -11.06 -17.71 16.69
CA ASP A 392 -11.33 -17.68 18.16
C ASP A 392 -10.91 -19.04 18.76
N SER A 393 -9.71 -19.50 18.41
CA SER A 393 -9.03 -20.67 19.01
C SER A 393 -9.67 -21.99 18.59
N VAL A 394 -10.63 -21.97 17.66
CA VAL A 394 -11.27 -23.20 17.09
C VAL A 394 -11.07 -23.20 15.58
N PRO A 395 -10.87 -24.36 14.91
CA PRO A 395 -10.81 -24.38 13.45
C PRO A 395 -11.96 -23.58 12.82
N ALA A 396 -11.63 -22.72 11.85
CA ALA A 396 -12.62 -22.04 11.00
C ALA A 396 -13.28 -23.11 10.13
N GLU A 397 -14.59 -22.99 9.95
CA GLU A 397 -15.36 -23.99 9.18
C GLU A 397 -16.13 -23.24 8.11
N VAL A 398 -16.29 -23.82 6.94
CA VAL A 398 -17.18 -23.22 5.92
C VAL A 398 -18.02 -24.33 5.32
N TRP A 399 -19.13 -23.92 4.74
CA TRP A 399 -19.86 -24.82 3.82
C TRP A 399 -19.21 -24.70 2.46
N THR A 400 -18.77 -25.82 1.90
CA THR A 400 -18.20 -25.84 0.55
C THR A 400 -19.32 -25.55 -0.47
N LYS A 401 -18.93 -25.25 -1.69
CA LYS A 401 -19.85 -25.06 -2.83
C LYS A 401 -20.66 -26.34 -3.04
N TYR A 402 -20.21 -27.45 -2.47
CA TYR A 402 -20.90 -28.75 -2.56
C TYR A 402 -21.96 -28.89 -1.43
N GLY A 403 -21.96 -28.01 -0.43
CA GLY A 403 -22.92 -28.07 0.70
C GLY A 403 -22.39 -28.94 1.82
N GLU A 404 -21.06 -29.16 1.87
CA GLU A 404 -20.39 -29.97 2.91
C GLU A 404 -19.75 -28.98 3.90
N LYS A 405 -19.95 -29.15 5.21
CA LYS A 405 -19.19 -28.35 6.22
C LYS A 405 -17.77 -28.91 6.33
N ARG A 406 -16.76 -28.09 6.10
CA ARG A 406 -15.35 -28.51 6.14
C ARG A 406 -14.51 -27.47 6.88
N VAL A 407 -13.45 -27.99 7.48
CA VAL A 407 -12.39 -27.20 8.13
C VAL A 407 -11.56 -26.53 7.04
N LEU A 408 -11.33 -25.24 7.23
CA LEU A 408 -10.51 -24.41 6.33
C LEU A 408 -9.04 -24.77 6.61
N LYS A 409 -8.41 -25.35 5.61
CA LYS A 409 -7.09 -26.01 5.73
C LYS A 409 -6.38 -25.89 4.39
N PRO A 410 -5.98 -24.66 4.00
CA PRO A 410 -5.45 -24.42 2.65
C PRO A 410 -4.13 -25.14 2.39
N ARG A 411 -4.00 -25.66 1.18
CA ARG A 411 -2.79 -26.39 0.72
C ARG A 411 -1.55 -25.50 0.94
N TRP A 412 -1.70 -24.19 0.68
CA TRP A 412 -0.67 -23.14 0.91
C TRP A 412 -1.24 -22.18 1.93
N MET A 413 -0.51 -21.94 3.00
CA MET A 413 -0.91 -21.05 4.11
C MET A 413 -0.25 -19.67 3.90
N ASP A 414 -1.05 -18.64 3.67
CA ASP A 414 -0.61 -17.23 3.66
C ASP A 414 -1.35 -16.50 4.78
N ALA A 415 -0.60 -16.08 5.81
CA ALA A 415 -1.12 -15.45 7.05
C ALA A 415 -1.97 -14.22 6.70
N ARG A 416 -1.79 -13.64 5.54
CA ARG A 416 -2.57 -12.43 5.18
C ARG A 416 -4.03 -12.78 4.91
N VAL A 417 -4.38 -14.02 4.60
CA VAL A 417 -5.82 -14.34 4.38
C VAL A 417 -6.59 -14.39 5.70
N CYS A 418 -5.92 -14.32 6.85
CA CYS A 418 -6.58 -14.50 8.18
C CYS A 418 -5.90 -13.63 9.24
N SER A 419 -5.35 -12.49 8.83
CA SER A 419 -4.60 -11.54 9.72
C SER A 419 -5.57 -10.79 10.63
N ASP A 420 -6.82 -10.67 10.21
CA ASP A 420 -7.88 -10.01 11.02
C ASP A 420 -9.22 -10.64 10.67
N HIS A 421 -10.26 -10.25 11.40
CA HIS A 421 -11.60 -10.85 11.23
C HIS A 421 -12.08 -10.64 9.79
N ALA A 422 -11.91 -9.44 9.23
CA ALA A 422 -12.39 -9.05 7.89
C ALA A 422 -11.70 -9.92 6.81
N ALA A 423 -10.39 -10.12 6.95
CA ALA A 423 -9.58 -10.95 6.03
C ALA A 423 -10.09 -12.40 6.06
N LEU A 424 -10.24 -12.97 7.26
CA LEU A 424 -10.68 -14.38 7.41
C LEU A 424 -12.08 -14.50 6.80
N LYS A 425 -12.93 -13.52 7.03
CA LYS A 425 -14.31 -13.57 6.49
C LYS A 425 -14.26 -13.63 4.97
N SER A 426 -13.43 -12.79 4.35
CA SER A 426 -13.27 -12.73 2.87
C SER A 426 -12.71 -14.07 2.40
N PHE A 427 -11.73 -14.62 3.10
CA PHE A 427 -11.16 -15.93 2.67
C PHE A 427 -12.20 -17.07 2.78
N LYS A 428 -13.00 -17.09 3.85
CA LYS A 428 -14.13 -18.07 4.02
C LYS A 428 -15.07 -17.99 2.83
N GLU A 429 -15.48 -16.79 2.43
CA GLU A 429 -16.37 -16.60 1.26
C GLU A 429 -15.69 -17.18 0.03
N PHE A 430 -14.37 -16.94 -0.12
CA PHE A 430 -13.63 -17.46 -1.28
C PHE A 430 -13.64 -18.99 -1.23
N ALA A 431 -13.33 -19.57 -0.08
CA ALA A 431 -13.21 -21.04 0.03
C ALA A 431 -14.57 -21.69 -0.27
N ALA A 432 -15.64 -20.95 0.04
CA ALA A 432 -17.04 -21.39 -0.15
C ALA A 432 -17.49 -21.23 -1.61
N GLY A 433 -16.70 -20.63 -2.49
CA GLY A 433 -17.09 -20.42 -3.89
C GLY A 433 -18.01 -19.22 -4.08
N LYS A 434 -17.99 -18.25 -3.18
CA LYS A 434 -18.94 -17.12 -3.21
C LYS A 434 -18.42 -15.98 -4.09
N ARG A 435 -17.20 -16.08 -4.61
CA ARG A 435 -16.73 -15.13 -5.67
C ARG A 435 -15.68 -15.84 -6.52
#